data_7O5X
#
_entry.id   7O5X
#
_cell.length_a   82.478
_cell.length_b   112.233
_cell.length_c   62.605
_cell.angle_alpha   90.000
_cell.angle_beta   90.000
_cell.angle_gamma   90.000
#
_symmetry.space_group_name_H-M   'C 2 2 21'
#
loop_
_entity.id
_entity.type
_entity.pdbx_description
1 polymer '14-3-3 protein sigma'
2 polymer 'Transcription factor p65'
3 non-polymer 'CHLORIDE ION'
4 non-polymer 4-(4-methoxypiperidin-1-yl)carbonylbenzaldehyde
5 non-polymer 'CALCIUM ION'
6 non-polymer DI(HYDROXYETHYL)ETHER
7 water water
#
loop_
_entity_poly.entity_id
_entity_poly.type
_entity_poly.pdbx_seq_one_letter_code
_entity_poly.pdbx_strand_id
1 'polypeptide(L)'
;GAMGSMERASLIQKAKLAEQAERYEDMAAFMKGAVEKGEELS(CSO)EERNLLSVAYKNVVGGQRAAWRVLSSIEQKSNE
EGSEEKGPEVREYREKVETELQGVCDTVLGLLDSHLIKEAGDAESRVFYLKMKGDYYRYLAEVATGDDKKRIIDSARSAY
QEAMDISKKEMPPTNPIRLGLALNFSVFHYEIANSPEEAISLAKTTFDEAMADLHTLSEDSYKDSTLIMQLLRDNLTLWT
;
A
2 'polypeptide(L)' EGRSAG(SEP)IPGRRS P
#
# COMPACT_ATOMS: atom_id res chain seq x y z
N MET A 3 3.69 15.72 17.28
CA MET A 3 5.08 15.37 17.54
C MET A 3 5.96 16.56 17.21
N GLY A 4 5.36 17.74 17.22
CA GLY A 4 6.06 18.95 16.82
C GLY A 4 7.26 19.29 17.67
N SER A 5 7.27 18.86 18.93
N SER A 5 7.26 18.84 18.93
CA SER A 5 8.39 19.21 19.81
CA SER A 5 8.34 19.16 19.86
C SER A 5 9.52 18.18 19.80
C SER A 5 9.52 18.20 19.76
N MET A 6 9.36 17.05 19.12
CA MET A 6 10.43 16.05 19.05
C MET A 6 11.31 16.26 17.83
N GLU A 7 12.61 16.04 18.00
CA GLU A 7 13.56 16.11 16.88
C GLU A 7 13.20 15.09 15.80
N ARG A 8 13.41 15.48 14.54
CA ARG A 8 13.19 14.55 13.44
C ARG A 8 13.97 13.25 13.64
N ALA A 9 15.25 13.35 14.02
CA ALA A 9 16.06 12.14 14.14
C ALA A 9 15.54 11.24 15.26
N SER A 10 15.05 11.85 16.34
CA SER A 10 14.47 11.08 17.45
C SER A 10 13.18 10.38 17.03
N LEU A 11 12.32 11.06 16.26
CA LEU A 11 11.13 10.41 15.73
C LEU A 11 11.50 9.20 14.87
N ILE A 12 12.51 9.32 14.01
CA ILE A 12 12.92 8.19 13.18
C ILE A 12 13.45 7.07 14.06
N GLN A 13 14.28 7.41 15.04
CA GLN A 13 14.83 6.38 15.91
C GLN A 13 13.73 5.67 16.70
N LYS A 14 12.74 6.43 17.19
CA LYS A 14 11.63 5.83 17.92
C LYS A 14 10.71 5.02 17.00
N ALA A 15 10.57 5.42 15.73
CA ALA A 15 9.80 4.58 14.80
C ALA A 15 10.46 3.22 14.63
N LYS A 16 11.80 3.17 14.56
CA LYS A 16 12.47 1.89 14.45
C LYS A 16 12.31 1.06 15.72
N LEU A 17 12.35 1.70 16.88
CA LEU A 17 12.10 0.99 18.13
C LEU A 17 10.67 0.44 18.20
N ALA A 18 9.69 1.25 17.79
CA ALA A 18 8.31 0.79 17.80
C ALA A 18 8.11 -0.40 16.87
N GLU A 19 8.77 -0.40 15.71
CA GLU A 19 8.69 -1.58 14.85
C GLU A 19 9.23 -2.81 15.56
N GLN A 20 10.35 -2.67 16.27
CA GLN A 20 10.90 -3.82 17.00
C GLN A 20 9.96 -4.28 18.10
N ALA A 21 9.23 -3.35 18.73
CA ALA A 21 8.28 -3.66 19.77
C ALA A 21 6.91 -4.06 19.22
N GLU A 22 6.77 -4.09 17.90
CA GLU A 22 5.49 -4.35 17.22
C GLU A 22 4.42 -3.40 17.70
N ARG A 23 4.80 -2.14 17.93
CA ARG A 23 3.86 -1.08 18.33
C ARG A 23 3.62 -0.20 17.11
N TYR A 24 2.77 -0.70 16.21
CA TYR A 24 2.66 -0.05 14.90
C TYR A 24 1.87 1.24 14.92
N GLU A 25 0.91 1.39 15.85
N GLU A 25 0.91 1.40 15.84
CA GLU A 25 0.24 2.68 15.98
CA GLU A 25 0.25 2.68 15.98
C GLU A 25 1.23 3.76 16.40
C GLU A 25 1.24 3.76 16.39
N ASP A 26 2.09 3.45 17.38
CA ASP A 26 3.16 4.38 17.75
C ASP A 26 4.08 4.66 16.56
N MET A 27 4.52 3.60 15.88
CA MET A 27 5.36 3.74 14.69
C MET A 27 4.77 4.73 13.70
N ALA A 28 3.47 4.59 13.41
CA ALA A 28 2.82 5.46 12.43
C ALA A 28 2.80 6.91 12.90
N ALA A 29 2.50 7.12 14.19
CA ALA A 29 2.49 8.47 14.74
C ALA A 29 3.87 9.11 14.70
N PHE A 30 4.91 8.31 14.96
CA PHE A 30 6.28 8.83 14.88
C PHE A 30 6.63 9.21 13.44
N MET A 31 6.34 8.32 12.48
CA MET A 31 6.62 8.67 11.09
C MET A 31 5.73 9.80 10.56
N LYS A 32 4.49 9.91 11.04
CA LYS A 32 3.68 11.07 10.67
C LYS A 32 4.36 12.35 11.13
N GLY A 33 4.85 12.35 12.38
CA GLY A 33 5.59 13.51 12.88
C GLY A 33 6.85 13.80 12.07
N ALA A 34 7.59 12.75 11.69
CA ALA A 34 8.78 12.95 10.87
C ALA A 34 8.43 13.57 9.52
N VAL A 35 7.36 13.09 8.87
CA VAL A 35 6.96 13.68 7.60
C VAL A 35 6.62 15.15 7.78
N GLU A 36 5.88 15.49 8.84
CA GLU A 36 5.44 16.86 9.07
C GLU A 36 6.58 17.80 9.42
N LYS A 37 7.80 17.30 9.63
CA LYS A 37 8.94 18.19 9.72
C LYS A 37 9.23 18.90 8.40
N GLY A 38 8.71 18.38 7.30
CA GLY A 38 8.75 19.06 6.03
C GLY A 38 9.91 18.70 5.13
N GLU A 39 10.87 17.91 5.60
CA GLU A 39 11.98 17.46 4.75
C GLU A 39 11.58 16.20 3.99
N GLU A 40 12.20 16.02 2.83
CA GLU A 40 11.97 14.78 2.08
C GLU A 40 12.41 13.57 2.90
N LEU A 41 11.93 12.39 2.51
CA LEU A 41 12.26 11.16 3.22
C LEU A 41 13.28 10.36 2.41
N SER A 42 14.23 9.76 3.12
CA SER A 42 15.19 8.85 2.50
C SER A 42 14.49 7.54 2.13
N GLU A 44 15.09 4.50 3.25
CA GLU A 44 14.79 3.77 4.49
C GLU A 44 13.60 4.40 5.24
N GLU A 45 13.56 5.74 5.27
CA GLU A 45 12.47 6.43 5.96
C GLU A 45 11.13 6.23 5.25
N ARG A 46 11.14 6.18 3.91
CA ARG A 46 9.92 5.84 3.18
C ARG A 46 9.42 4.46 3.54
N ASN A 47 10.34 3.49 3.65
CA ASN A 47 9.95 2.15 4.08
C ASN A 47 9.34 2.18 5.48
N LEU A 48 9.93 2.94 6.40
CA LEU A 48 9.37 2.99 7.75
C LEU A 48 7.95 3.55 7.74
N LEU A 49 7.73 4.62 6.98
CA LEU A 49 6.40 5.20 6.86
C LEU A 49 5.41 4.16 6.34
N SER A 50 5.79 3.48 5.25
CA SER A 50 4.91 2.52 4.60
C SER A 50 4.62 1.33 5.49
N VAL A 51 5.65 0.78 6.14
CA VAL A 51 5.46 -0.38 7.01
C VAL A 51 4.52 -0.04 8.16
N ALA A 52 4.68 1.15 8.73
CA ALA A 52 3.88 1.52 9.89
C ALA A 52 2.40 1.57 9.53
N TYR A 53 2.07 2.31 8.48
CA TYR A 53 0.66 2.46 8.14
C TYR A 53 0.09 1.17 7.54
N LYS A 54 0.92 0.37 6.86
CA LYS A 54 0.41 -0.86 6.29
C LYS A 54 -0.04 -1.81 7.40
N ASN A 55 0.72 -1.85 8.50
CA ASN A 55 0.37 -2.67 9.63
C ASN A 55 -0.90 -2.17 10.30
N VAL A 56 -1.00 -0.85 10.51
CA VAL A 56 -2.17 -0.29 11.20
C VAL A 56 -3.43 -0.57 10.39
N VAL A 57 -3.42 -0.21 9.11
N VAL A 57 -3.45 -0.17 9.12
CA VAL A 57 -4.61 -0.38 8.29
CA VAL A 57 -4.63 -0.40 8.29
C VAL A 57 -4.84 -1.86 8.01
C VAL A 57 -4.85 -1.89 8.09
N GLY A 58 -3.77 -2.68 7.99
CA GLY A 58 -3.95 -4.11 7.84
C GLY A 58 -4.77 -4.71 8.96
N GLY A 59 -4.48 -4.34 10.20
CA GLY A 59 -5.29 -4.79 11.32
C GLY A 59 -6.74 -4.30 11.25
N GLN A 60 -6.92 -3.04 10.83
CA GLN A 60 -8.28 -2.52 10.69
C GLN A 60 -9.04 -3.26 9.59
N ARG A 61 -8.36 -3.54 8.47
CA ARG A 61 -9.04 -4.26 7.38
C ARG A 61 -9.44 -5.66 7.82
N ALA A 62 -8.55 -6.36 8.54
CA ALA A 62 -8.87 -7.69 9.02
C ALA A 62 -10.07 -7.66 9.94
N ALA A 63 -10.14 -6.66 10.84
CA ALA A 63 -11.29 -6.54 11.74
C ALA A 63 -12.57 -6.22 10.97
N TRP A 64 -12.49 -5.28 10.02
CA TRP A 64 -13.66 -4.93 9.23
C TRP A 64 -14.21 -6.16 8.51
N ARG A 65 -13.33 -7.01 7.98
CA ARG A 65 -13.82 -8.20 7.25
C ARG A 65 -14.50 -9.19 8.18
N VAL A 66 -13.95 -9.39 9.38
CA VAL A 66 -14.62 -10.23 10.37
C VAL A 66 -16.02 -9.70 10.63
N LEU A 67 -16.12 -8.40 10.93
CA LEU A 67 -17.41 -7.82 11.29
C LEU A 67 -18.37 -7.76 10.11
N SER A 68 -17.85 -7.44 8.91
N SER A 68 -17.86 -7.45 8.91
CA SER A 68 -18.71 -7.43 7.73
CA SER A 68 -18.72 -7.44 7.73
C SER A 68 -19.31 -8.81 7.47
C SER A 68 -19.31 -8.82 7.48
N SER A 69 -18.51 -9.86 7.70
CA SER A 69 -19.01 -11.23 7.51
C SER A 69 -20.10 -11.56 8.52
N ILE A 70 -19.88 -11.21 9.78
CA ILE A 70 -20.92 -11.41 10.79
C ILE A 70 -22.17 -10.64 10.43
N GLU A 71 -22.00 -9.40 9.95
CA GLU A 71 -23.14 -8.56 9.61
C GLU A 71 -23.95 -9.16 8.46
N GLN A 72 -23.26 -9.72 7.47
CA GLN A 72 -23.97 -10.32 6.33
C GLN A 72 -24.72 -11.57 6.75
N LYS A 73 -24.14 -12.38 7.64
CA LYS A 73 -24.85 -13.57 8.10
C LYS A 73 -26.09 -13.20 8.89
N SER A 74 -26.08 -12.06 9.59
CA SER A 74 -27.25 -11.64 10.35
C SER A 74 -28.35 -11.08 9.44
N ASN A 75 -27.99 -10.56 8.28
CA ASN A 75 -28.97 -9.96 7.37
C ASN A 75 -29.29 -10.91 6.21
N GLY A 83 -30.03 -7.00 16.63
CA GLY A 83 -30.11 -5.56 16.85
C GLY A 83 -29.14 -4.78 15.98
N PRO A 84 -28.96 -3.49 16.28
CA PRO A 84 -28.06 -2.67 15.47
C PRO A 84 -26.58 -2.83 15.81
N GLU A 85 -26.22 -3.68 16.79
CA GLU A 85 -24.88 -3.61 17.35
C GLU A 85 -23.81 -4.02 16.33
N VAL A 86 -24.04 -5.08 15.56
CA VAL A 86 -23.02 -5.51 14.62
C VAL A 86 -22.76 -4.44 13.57
N ARG A 87 -23.85 -3.89 12.99
CA ARG A 87 -23.69 -2.80 12.04
C ARG A 87 -23.01 -1.59 12.67
N GLU A 88 -23.43 -1.20 13.89
CA GLU A 88 -22.82 -0.05 14.55
C GLU A 88 -21.32 -0.24 14.74
N TYR A 89 -20.91 -1.44 15.18
CA TYR A 89 -19.50 -1.66 15.47
C TYR A 89 -18.68 -1.78 14.18
N ARG A 90 -19.26 -2.41 13.14
CA ARG A 90 -18.60 -2.40 11.83
C ARG A 90 -18.44 -0.97 11.31
N GLU A 91 -19.47 -0.13 11.47
CA GLU A 91 -19.36 1.27 11.08
C GLU A 91 -18.27 2.00 11.84
N LYS A 92 -18.12 1.70 13.14
CA LYS A 92 -17.09 2.34 13.94
C LYS A 92 -15.70 1.96 13.43
N VAL A 93 -15.47 0.67 13.21
CA VAL A 93 -14.18 0.23 12.67
C VAL A 93 -13.95 0.84 11.29
N GLU A 94 -15.00 0.85 10.46
CA GLU A 94 -14.90 1.39 9.11
C GLU A 94 -14.51 2.86 9.13
N THR A 95 -15.13 3.63 10.02
CA THR A 95 -14.79 5.05 10.14
C THR A 95 -13.35 5.25 10.60
N GLU A 96 -12.87 4.41 11.52
N GLU A 96 -12.87 4.40 11.51
CA GLU A 96 -11.49 4.54 11.97
CA GLU A 96 -11.50 4.54 11.98
C GLU A 96 -10.53 4.21 10.83
C GLU A 96 -10.50 4.18 10.87
N LEU A 97 -10.82 3.15 10.09
CA LEU A 97 -10.00 2.80 8.92
C LEU A 97 -9.97 3.94 7.90
N GLN A 98 -11.14 4.51 7.59
CA GLN A 98 -11.17 5.63 6.65
C GLN A 98 -10.35 6.79 7.17
N GLY A 99 -10.35 7.02 8.48
CA GLY A 99 -9.57 8.11 9.02
C GLY A 99 -8.08 7.90 8.83
N VAL A 100 -7.61 6.68 9.06
CA VAL A 100 -6.20 6.36 8.83
C VAL A 100 -5.86 6.54 7.35
N CYS A 101 -6.67 5.98 6.45
CA CYS A 101 -6.41 6.15 5.02
C CYS A 101 -6.35 7.63 4.64
N ASP A 102 -7.30 8.44 5.14
CA ASP A 102 -7.29 9.86 4.84
C ASP A 102 -6.03 10.52 5.38
N THR A 103 -5.55 10.09 6.55
CA THR A 103 -4.34 10.67 7.11
C THR A 103 -3.13 10.42 6.21
N VAL A 104 -2.98 9.17 5.75
CA VAL A 104 -1.86 8.82 4.85
C VAL A 104 -1.96 9.60 3.56
N LEU A 105 -3.16 9.62 2.95
CA LEU A 105 -3.33 10.36 1.72
C LEU A 105 -3.06 11.83 1.92
N GLY A 106 -3.40 12.36 3.10
CA GLY A 106 -3.07 13.75 3.39
C GLY A 106 -1.59 14.01 3.43
N LEU A 107 -0.81 13.06 3.98
CA LEU A 107 0.64 13.22 4.03
C LEU A 107 1.22 13.18 2.62
N LEU A 108 0.70 12.28 1.77
CA LEU A 108 1.19 12.19 0.40
C LEU A 108 0.88 13.47 -0.36
N ASP A 109 -0.30 14.05 -0.12
CA ASP A 109 -0.73 15.26 -0.80
C ASP A 109 -0.10 16.52 -0.22
N SER A 110 0.39 16.47 1.02
CA SER A 110 0.95 17.65 1.70
C SER A 110 2.18 17.22 2.51
N HIS A 111 3.34 17.11 1.85
CA HIS A 111 3.58 17.47 0.46
C HIS A 111 4.59 16.49 -0.16
N LEU A 112 4.49 15.21 0.23
CA LEU A 112 5.48 14.22 -0.18
C LEU A 112 5.55 14.07 -1.69
N ILE A 113 4.40 13.93 -2.35
CA ILE A 113 4.41 13.62 -3.78
C ILE A 113 4.94 14.79 -4.59
N LYS A 114 4.46 16.00 -4.31
CA LYS A 114 4.89 17.14 -5.11
C LYS A 114 6.37 17.39 -4.96
N GLU A 115 6.96 17.06 -3.82
CA GLU A 115 8.39 17.27 -3.68
C GLU A 115 9.22 16.06 -4.12
N ALA A 116 8.61 15.00 -4.60
CA ALA A 116 9.34 13.79 -4.99
C ALA A 116 9.73 13.89 -6.47
N GLY A 117 11.01 14.10 -6.75
CA GLY A 117 11.47 14.26 -8.11
C GLY A 117 12.13 13.03 -8.71
N ASP A 118 12.79 12.24 -7.87
CA ASP A 118 13.41 11.03 -8.35
C ASP A 118 12.35 9.97 -8.62
N ALA A 119 12.63 9.13 -9.63
CA ALA A 119 11.71 8.06 -9.97
C ALA A 119 11.42 7.15 -8.78
N GLU A 120 12.44 6.77 -8.02
CA GLU A 120 12.23 5.84 -6.92
C GLU A 120 11.29 6.41 -5.86
N SER A 121 11.45 7.70 -5.51
CA SER A 121 10.56 8.27 -4.51
C SER A 121 9.17 8.51 -5.09
N ARG A 122 9.09 9.04 -6.32
CA ARG A 122 7.78 9.38 -6.87
C ARG A 122 6.90 8.15 -7.08
N VAL A 123 7.50 7.07 -7.62
CA VAL A 123 6.76 5.82 -7.81
C VAL A 123 6.35 5.22 -6.45
N PHE A 124 7.25 5.28 -5.47
CA PHE A 124 6.92 4.76 -4.13
C PHE A 124 5.69 5.45 -3.56
N TYR A 125 5.66 6.79 -3.61
CA TYR A 125 4.54 7.52 -3.04
C TYR A 125 3.27 7.31 -3.85
N LEU A 126 3.37 7.20 -5.19
CA LEU A 126 2.16 7.03 -5.98
C LEU A 126 1.58 5.63 -5.78
N LYS A 127 2.45 4.62 -5.63
CA LYS A 127 1.97 3.29 -5.24
C LYS A 127 1.21 3.35 -3.92
N MET A 128 1.78 4.06 -2.93
CA MET A 128 1.12 4.27 -1.66
C MET A 128 -0.26 4.88 -1.87
N LYS A 129 -0.33 5.95 -2.69
CA LYS A 129 -1.60 6.61 -2.95
C LYS A 129 -2.62 5.64 -3.54
N GLY A 130 -2.20 4.83 -4.51
CA GLY A 130 -3.11 3.83 -5.06
C GLY A 130 -3.58 2.84 -4.00
N ASP A 131 -2.66 2.37 -3.15
CA ASP A 131 -3.00 1.41 -2.11
C ASP A 131 -4.03 1.98 -1.15
N TYR A 132 -3.84 3.21 -0.67
CA TYR A 132 -4.77 3.70 0.35
C TYR A 132 -6.12 4.09 -0.26
N TYR A 133 -6.17 4.51 -1.52
CA TYR A 133 -7.47 4.63 -2.17
C TYR A 133 -8.10 3.26 -2.40
N ARG A 134 -7.29 2.23 -2.69
CA ARG A 134 -7.83 0.88 -2.80
C ARG A 134 -8.47 0.44 -1.48
N TYR A 135 -7.82 0.73 -0.35
CA TYR A 135 -8.41 0.37 0.94
C TYR A 135 -9.71 1.11 1.18
N LEU A 136 -9.75 2.40 0.82
CA LEU A 136 -11.01 3.13 0.87
C LEU A 136 -12.05 2.47 -0.04
N ALA A 137 -11.64 2.03 -1.23
CA ALA A 137 -12.59 1.39 -2.15
C ALA A 137 -13.14 0.09 -1.58
N GLU A 138 -12.36 -0.63 -0.76
CA GLU A 138 -12.81 -1.93 -0.25
C GLU A 138 -14.06 -1.78 0.62
N VAL A 139 -14.20 -0.65 1.29
CA VAL A 139 -15.34 -0.42 2.19
C VAL A 139 -16.36 0.55 1.61
N ALA A 140 -16.13 1.07 0.42
CA ALA A 140 -17.00 2.09 -0.14
C ALA A 140 -18.25 1.46 -0.76
N THR A 141 -19.37 2.18 -0.65
CA THR A 141 -20.62 1.72 -1.26
C THR A 141 -21.36 2.86 -1.98
N GLY A 142 -21.43 4.03 -1.34
CA GLY A 142 -22.29 5.10 -1.79
C GLY A 142 -21.90 5.87 -3.04
N ASP A 143 -22.16 7.18 -3.02
CA ASP A 143 -22.03 8.03 -4.19
C ASP A 143 -20.59 8.19 -4.68
N ASP A 144 -19.61 7.76 -3.89
CA ASP A 144 -18.22 8.04 -4.20
C ASP A 144 -17.41 6.79 -4.52
N LYS A 145 -18.01 5.59 -4.49
CA LYS A 145 -17.22 4.39 -4.72
C LYS A 145 -16.55 4.41 -6.09
N LYS A 146 -17.25 4.87 -7.13
CA LYS A 146 -16.63 4.93 -8.45
C LYS A 146 -15.52 5.96 -8.49
N ARG A 147 -15.71 7.12 -7.84
CA ARG A 147 -14.65 8.12 -7.86
C ARG A 147 -13.45 7.65 -7.04
N ILE A 148 -13.69 6.94 -5.94
CA ILE A 148 -12.58 6.40 -5.16
C ILE A 148 -11.80 5.37 -5.97
N ILE A 149 -12.51 4.48 -6.67
CA ILE A 149 -11.85 3.50 -7.52
C ILE A 149 -11.02 4.19 -8.59
N ASP A 150 -11.55 5.25 -9.20
CA ASP A 150 -10.80 5.91 -10.24
C ASP A 150 -9.58 6.64 -9.67
N SER A 151 -9.67 7.14 -8.44
CA SER A 151 -8.51 7.74 -7.80
C SER A 151 -7.41 6.72 -7.58
N ALA A 152 -7.78 5.50 -7.15
CA ALA A 152 -6.79 4.44 -7.03
C ALA A 152 -6.16 4.14 -8.39
N ARG A 153 -7.00 3.93 -9.41
N ARG A 153 -7.00 3.92 -9.40
CA ARG A 153 -6.51 3.58 -10.73
CA ARG A 153 -6.51 3.58 -10.73
C ARG A 153 -5.56 4.64 -11.28
C ARG A 153 -5.55 4.65 -11.26
N SER A 154 -5.92 5.92 -11.12
CA SER A 154 -5.10 6.99 -11.65
C SER A 154 -3.73 7.05 -10.98
N ALA A 155 -3.69 6.85 -9.65
CA ALA A 155 -2.41 6.85 -8.94
C ALA A 155 -1.53 5.69 -9.39
N TYR A 156 -2.09 4.48 -9.41
CA TYR A 156 -1.36 3.31 -9.89
C TYR A 156 -0.88 3.51 -11.32
N GLN A 157 -1.74 4.05 -12.18
CA GLN A 157 -1.38 4.22 -13.59
C GLN A 157 -0.20 5.17 -13.75
N GLU A 158 -0.23 6.31 -13.04
CA GLU A 158 0.90 7.22 -13.15
C GLU A 158 2.19 6.57 -12.65
N ALA A 159 2.10 5.82 -11.55
CA ALA A 159 3.26 5.09 -11.05
C ALA A 159 3.78 4.05 -12.05
N MET A 160 2.87 3.27 -12.67
CA MET A 160 3.25 2.36 -13.75
C MET A 160 3.99 3.09 -14.87
N ASP A 161 3.44 4.20 -15.35
CA ASP A 161 4.06 4.87 -16.48
C ASP A 161 5.49 5.30 -16.15
N ILE A 162 5.71 5.84 -14.95
CA ILE A 162 7.05 6.26 -14.54
C ILE A 162 7.97 5.05 -14.39
N SER A 163 7.48 4.00 -13.73
CA SER A 163 8.35 2.85 -13.44
C SER A 163 8.79 2.16 -14.72
N LYS A 164 7.90 2.11 -15.72
CA LYS A 164 8.28 1.46 -16.97
C LYS A 164 9.32 2.28 -17.72
N LYS A 165 9.24 3.61 -17.62
CA LYS A 165 10.21 4.49 -18.27
C LYS A 165 11.54 4.55 -17.52
N GLU A 166 11.50 4.48 -16.18
CA GLU A 166 12.64 4.85 -15.36
C GLU A 166 13.22 3.74 -14.50
N MET A 167 12.63 2.56 -14.47
CA MET A 167 13.23 1.56 -13.60
C MET A 167 13.42 0.26 -14.37
N PRO A 168 14.39 -0.57 -13.99
CA PRO A 168 14.52 -1.88 -14.64
C PRO A 168 13.36 -2.77 -14.26
N PRO A 169 13.07 -3.80 -15.08
CA PRO A 169 11.91 -4.66 -14.80
C PRO A 169 12.01 -5.44 -13.51
N THR A 170 13.20 -5.58 -12.94
CA THR A 170 13.35 -6.32 -11.69
C THR A 170 13.30 -5.44 -10.46
N ASN A 171 13.17 -4.14 -10.62
CA ASN A 171 13.18 -3.26 -9.46
C ASN A 171 12.07 -3.65 -8.47
N PRO A 172 12.39 -3.91 -7.20
CA PRO A 172 11.35 -4.39 -6.26
C PRO A 172 10.14 -3.48 -6.13
N ILE A 173 10.34 -2.17 -6.16
CA ILE A 173 9.21 -1.25 -6.08
C ILE A 173 8.36 -1.34 -7.35
N ARG A 174 9.01 -1.41 -8.52
CA ARG A 174 8.25 -1.62 -9.75
C ARG A 174 7.48 -2.94 -9.71
N LEU A 175 8.10 -3.99 -9.18
CA LEU A 175 7.42 -5.29 -9.09
C LEU A 175 6.26 -5.27 -8.10
N GLY A 176 6.47 -4.67 -6.92
CA GLY A 176 5.39 -4.60 -5.95
C GLY A 176 4.26 -3.70 -6.40
N LEU A 177 4.58 -2.62 -7.11
CA LEU A 177 3.54 -1.80 -7.71
C LEU A 177 2.68 -2.60 -8.67
N ALA A 178 3.32 -3.35 -9.57
CA ALA A 178 2.55 -4.16 -10.52
C ALA A 178 1.73 -5.22 -9.79
N LEU A 179 2.32 -5.87 -8.79
CA LEU A 179 1.57 -6.84 -7.99
C LEU A 179 0.29 -6.22 -7.43
N ASN A 180 0.41 -5.05 -6.78
CA ASN A 180 -0.75 -4.46 -6.11
C ASN A 180 -1.75 -3.90 -7.12
N PHE A 181 -1.26 -3.34 -8.23
CA PHE A 181 -2.17 -2.90 -9.28
C PHE A 181 -2.93 -4.08 -9.86
N SER A 182 -2.26 -5.23 -9.97
N SER A 182 -2.28 -5.25 -9.95
CA SER A 182 -2.93 -6.44 -10.42
CA SER A 182 -2.99 -6.42 -10.44
C SER A 182 -4.03 -6.86 -9.45
C SER A 182 -4.06 -6.86 -9.44
N VAL A 183 -3.77 -6.75 -8.15
CA VAL A 183 -4.79 -7.06 -7.14
C VAL A 183 -5.93 -6.06 -7.22
N PHE A 184 -5.61 -4.78 -7.44
CA PHE A 184 -6.64 -3.78 -7.71
C PHE A 184 -7.54 -4.23 -8.86
N HIS A 185 -6.93 -4.64 -9.98
CA HIS A 185 -7.73 -5.06 -11.13
C HIS A 185 -8.62 -6.23 -10.78
N TYR A 186 -8.08 -7.20 -10.04
CA TYR A 186 -8.82 -8.43 -9.76
C TYR A 186 -9.90 -8.21 -8.71
N GLU A 187 -9.56 -7.51 -7.63
CA GLU A 187 -10.43 -7.47 -6.46
C GLU A 187 -11.37 -6.27 -6.47
N ILE A 188 -10.99 -5.18 -7.11
CA ILE A 188 -11.70 -3.91 -7.01
C ILE A 188 -12.38 -3.56 -8.32
N ALA A 189 -11.65 -3.63 -9.43
CA ALA A 189 -12.15 -3.17 -10.72
C ALA A 189 -12.90 -4.24 -11.49
N ASN A 190 -13.05 -5.45 -10.94
CA ASN A 190 -13.73 -6.54 -11.64
C ASN A 190 -13.13 -6.75 -13.03
N SER A 191 -11.81 -6.74 -13.10
CA SER A 191 -11.11 -6.92 -14.37
C SER A 191 -10.08 -8.04 -14.20
N PRO A 192 -10.54 -9.28 -13.98
CA PRO A 192 -9.57 -10.35 -13.72
C PRO A 192 -8.64 -10.65 -14.89
N GLU A 193 -9.10 -10.46 -16.13
CA GLU A 193 -8.21 -10.68 -17.26
C GLU A 193 -7.09 -9.66 -17.28
N GLU A 194 -7.40 -8.40 -16.96
CA GLU A 194 -6.35 -7.39 -16.85
C GLU A 194 -5.37 -7.74 -15.73
N ALA A 195 -5.89 -8.21 -14.60
CA ALA A 195 -5.05 -8.63 -13.48
C ALA A 195 -4.09 -9.75 -13.89
N ILE A 196 -4.61 -10.77 -14.58
CA ILE A 196 -3.78 -11.89 -14.98
C ILE A 196 -2.74 -11.46 -16.00
N SER A 197 -3.14 -10.67 -17.00
N SER A 197 -3.14 -10.67 -17.00
CA SER A 197 -2.21 -10.21 -18.02
CA SER A 197 -2.19 -10.22 -18.02
C SER A 197 -1.09 -9.37 -17.41
C SER A 197 -1.09 -9.37 -17.41
N LEU A 198 -1.43 -8.48 -16.48
CA LEU A 198 -0.40 -7.63 -15.87
C LEU A 198 0.59 -8.47 -15.07
N ALA A 199 0.08 -9.41 -14.25
CA ALA A 199 0.97 -10.22 -13.43
C ALA A 199 1.88 -11.08 -14.30
N LYS A 200 1.34 -11.63 -15.39
CA LYS A 200 2.13 -12.51 -16.27
C LYS A 200 3.21 -11.73 -17.00
N THR A 201 2.84 -10.60 -17.62
CA THR A 201 3.82 -9.77 -18.32
C THR A 201 4.88 -9.23 -17.35
N THR A 202 4.48 -8.84 -16.14
CA THR A 202 5.44 -8.38 -15.14
C THR A 202 6.43 -9.49 -14.78
N PHE A 203 5.90 -10.69 -14.55
CA PHE A 203 6.76 -11.81 -14.17
C PHE A 203 7.75 -12.14 -15.28
N ASP A 204 7.25 -12.26 -16.51
CA ASP A 204 8.10 -12.65 -17.64
C ASP A 204 9.18 -11.61 -17.93
N GLU A 205 8.85 -10.32 -17.85
CA GLU A 205 9.89 -9.32 -18.10
C GLU A 205 10.90 -9.25 -16.96
N ALA A 206 10.49 -9.55 -15.71
CA ALA A 206 11.48 -9.62 -14.65
C ALA A 206 12.39 -10.84 -14.82
N MET A 207 11.81 -12.00 -15.15
CA MET A 207 12.62 -13.20 -15.37
C MET A 207 13.75 -12.94 -16.36
N ALA A 208 13.44 -12.23 -17.45
CA ALA A 208 14.42 -11.99 -18.50
C ALA A 208 15.49 -10.98 -18.09
N ASP A 209 15.30 -10.27 -16.98
CA ASP A 209 16.26 -9.28 -16.50
C ASP A 209 17.06 -9.80 -15.31
N LEU A 210 16.75 -10.99 -14.80
CA LEU A 210 17.42 -11.47 -13.58
C LEU A 210 18.92 -11.64 -13.79
N HIS A 211 19.33 -11.97 -15.01
CA HIS A 211 20.74 -12.22 -15.28
C HIS A 211 21.62 -11.02 -14.97
N THR A 212 21.05 -9.82 -14.90
CA THR A 212 21.83 -8.61 -14.66
C THR A 212 22.13 -8.36 -13.18
N LEU A 213 21.52 -9.11 -12.27
CA LEU A 213 21.50 -8.77 -10.86
C LEU A 213 22.60 -9.48 -10.07
N SER A 214 23.02 -8.83 -8.99
CA SER A 214 23.82 -9.48 -7.97
C SER A 214 22.99 -10.50 -7.20
N GLU A 215 23.67 -11.31 -6.39
CA GLU A 215 22.99 -12.32 -5.57
C GLU A 215 21.96 -11.68 -4.64
N ASP A 216 22.29 -10.54 -4.05
CA ASP A 216 21.34 -9.93 -3.11
C ASP A 216 20.15 -9.31 -3.85
N SER A 217 20.39 -8.64 -4.98
CA SER A 217 19.28 -8.09 -5.77
C SER A 217 18.40 -9.22 -6.32
N TYR A 218 19.03 -10.30 -6.78
CA TYR A 218 18.31 -11.48 -7.23
C TYR A 218 17.33 -11.98 -6.18
N LYS A 219 17.78 -12.10 -4.92
CA LYS A 219 16.89 -12.52 -3.84
C LYS A 219 15.73 -11.55 -3.65
N ASP A 220 16.01 -10.24 -3.70
CA ASP A 220 14.95 -9.24 -3.52
C ASP A 220 13.90 -9.36 -4.61
N SER A 221 14.33 -9.47 -5.87
CA SER A 221 13.38 -9.52 -7.00
C SER A 221 12.64 -10.85 -7.05
N THR A 222 13.33 -11.97 -6.87
CA THR A 222 12.62 -13.24 -7.01
C THR A 222 11.60 -13.43 -5.90
N LEU A 223 11.82 -12.80 -4.74
CA LEU A 223 10.81 -12.89 -3.68
C LEU A 223 9.48 -12.31 -4.13
N ILE A 224 9.51 -11.14 -4.79
CA ILE A 224 8.27 -10.53 -5.22
C ILE A 224 7.72 -11.22 -6.45
N MET A 225 8.60 -11.72 -7.34
CA MET A 225 8.11 -12.53 -8.44
C MET A 225 7.31 -13.74 -7.95
N GLN A 226 7.72 -14.34 -6.83
CA GLN A 226 6.97 -15.47 -6.30
C GLN A 226 5.56 -15.05 -5.87
N LEU A 227 5.41 -13.84 -5.35
CA LEU A 227 4.07 -13.36 -5.02
C LEU A 227 3.22 -13.20 -6.27
N LEU A 228 3.80 -12.68 -7.37
CA LEU A 228 3.07 -12.65 -8.63
C LEU A 228 2.67 -14.04 -9.06
N ARG A 229 3.58 -15.01 -8.95
CA ARG A 229 3.26 -16.37 -9.38
C ARG A 229 2.19 -16.98 -8.49
N ASP A 230 2.22 -16.70 -7.18
CA ASP A 230 1.20 -17.21 -6.28
C ASP A 230 -0.19 -16.73 -6.71
N ASN A 231 -0.31 -15.44 -7.07
CA ASN A 231 -1.60 -14.93 -7.52
C ASN A 231 -2.04 -15.58 -8.82
N LEU A 232 -1.11 -15.71 -9.78
CA LEU A 232 -1.46 -16.36 -11.05
C LEU A 232 -1.96 -17.77 -10.81
N THR A 233 -1.34 -18.50 -9.88
CA THR A 233 -1.79 -19.86 -9.55
C THR A 233 -3.20 -19.84 -8.98
N LEU A 234 -3.50 -18.83 -8.16
CA LEU A 234 -4.84 -18.70 -7.60
C LEU A 234 -5.86 -18.29 -8.66
N TRP A 235 -5.44 -17.49 -9.65
CA TRP A 235 -6.38 -16.91 -10.61
C TRP A 235 -6.54 -17.75 -11.87
N THR A 236 -5.70 -18.75 -12.10
CA THR A 236 -5.79 -19.52 -13.33
C THR A 236 -5.83 -21.02 -13.04
N ALA B 5 -6.08 -13.59 -3.05
CA ALA B 5 -5.14 -12.76 -3.78
C ALA B 5 -4.27 -11.93 -2.83
N GLY B 6 -2.96 -12.12 -2.92
CA GLY B 6 -2.04 -11.43 -2.05
C GLY B 6 -1.44 -10.16 -2.61
N ILE B 8 1.39 -6.91 -1.67
CA ILE B 8 2.66 -6.83 -0.96
C ILE B 8 2.37 -6.95 0.53
N PRO B 9 3.02 -7.89 1.22
CA PRO B 9 2.80 -7.99 2.67
C PRO B 9 3.26 -6.73 3.38
N GLY B 10 4.47 -6.26 3.07
CA GLY B 10 4.94 -4.95 3.45
C GLY B 10 4.78 -4.64 4.92
N ARG B 11 4.83 -5.69 5.75
CA ARG B 11 4.63 -5.58 7.18
C ARG B 11 5.94 -5.58 7.96
N ARG B 12 7.08 -5.85 7.31
CA ARG B 12 8.37 -5.93 7.99
C ARG B 12 9.41 -5.13 7.21
N SER B 13 9.97 -4.10 7.87
CA SER B 13 11.13 -3.35 7.39
C SER B 13 11.60 -2.33 8.42
#